data_8UYM
#
_entry.id   8UYM
#
_entity_poly.entity_id   1
_entity_poly.type   'polyribonucleotide'
_entity_poly.pdbx_seq_one_letter_code
;GGAGCGUCGUGUCUCUUGUACGUCUCGGUCACAAUACACGGUUUCGUCCGGUGCGUGGCAAUUCGGGGCACAUCAUGUCU
UUCGUGGCUGGUGUGACCGCGCAAGGUGCGCGCGGUACGUAUCGAGCAGCGCUCC
;
_entity_poly.pdbx_strand_id   A
#
loop_
_chem_comp.id
_chem_comp.type
_chem_comp.name
_chem_comp.formula
A RNA linking ADENOSINE-5'-MONOPHOSPHATE 'C10 H14 N5 O7 P'
C RNA linking CYTIDINE-5'-MONOPHOSPHATE 'C9 H14 N3 O8 P'
G RNA linking GUANOSINE-5'-MONOPHOSPHATE 'C10 H14 N5 O8 P'
U RNA linking URIDINE-5'-MONOPHOSPHATE 'C9 H13 N2 O9 P'
#